data_4X55
#
_entry.id   4X55
#
_cell.length_a   98.779
_cell.length_b   143.862
_cell.length_c   44.177
_cell.angle_alpha   90.00
_cell.angle_beta   90.00
_cell.angle_gamma   90.00
#
_symmetry.space_group_name_H-M   'P 21 21 2'
#
loop_
_entity.id
_entity.type
_entity.pdbx_description
1 polymer 'Beta-lactamase OXA-225'
2 non-polymer 1-({(2R)-2-[(1R)-1-{[(2Z)-2-(2-amino-1,3-thiazol-4-yl)-2-{[(2-carboxypropan-2-yl)oxy]imino}acetyl]amino}-2-oxoethyl]-4-carboxy-3,6-dihydro-2H-1,3-thiazin-5-yl}methyl)pyridinium
3 water water
#
_entity_poly.entity_id   1
_entity_poly.type   'polypeptide(L)'
_entity_poly.pdbx_seq_one_letter_code
;MHNLINETPSQIVQGHNQVIHQYFDEKNTSGVLVIQTDKKINLYGNALSRANTEYVPASTFDMLNALIGLENQKTDINEI
FKWKGEKRSFTAWEKDMTLGEAMKLSAVPVYQELARRIGLDLMQKEVKRIGFGNAEIGQQVDNFWLVGPLKVTPIQEVEF
VSQLAHTQLPFSEKVQANVKNMLLLEESNGYKIFGKTGWAMDIKSQVGWLTGWVEQPDGKIVAFALNMEMRSEMPASIRN
ELLMKSLKQLNII
;
_entity_poly.pdbx_strand_id   A,B
#
loop_
_chem_comp.id
_chem_comp.type
_chem_comp.name
_chem_comp.formula
CTJ non-polymer 1-({(2R)-2-[(1R)-1-{[(2Z)-2-(2-amino-1,3-thiazol-4-yl)-2-{[(2-carboxypropan-2-yl)oxy]imino}acetyl]amino}-2-oxoethyl]-4-carboxy-3,6-dihydro-2H-1,3-thiazin-5-yl}methyl)pyridinium 'C22 H25 N6 O7 S2 1'
#
# COMPACT_ATOMS: atom_id res chain seq x y z
N GLN A 11 -19.01 7.51 -1.30
CA GLN A 11 -17.66 7.62 -0.68
C GLN A 11 -17.50 8.96 0.07
N ILE A 12 -17.07 10.04 -0.62
CA ILE A 12 -16.90 11.38 0.03
C ILE A 12 -18.17 12.21 0.06
N VAL A 13 -18.72 12.44 1.25
CA VAL A 13 -19.96 13.20 1.40
C VAL A 13 -19.97 14.06 2.64
N GLN A 14 -20.90 15.00 2.71
CA GLN A 14 -21.13 15.77 3.91
C GLN A 14 -21.93 14.95 4.93
N GLY A 15 -21.69 15.19 6.22
CA GLY A 15 -22.30 14.38 7.29
C GLY A 15 -23.45 15.07 8.03
N HIS A 16 -24.12 14.34 8.92
CA HIS A 16 -25.49 14.68 9.34
C HIS A 16 -25.58 15.98 10.15
N ASN A 17 -24.46 16.71 10.29
CA ASN A 17 -24.26 17.53 11.49
C ASN A 17 -24.29 19.05 11.41
N GLN A 18 -25.45 19.54 11.84
CA GLN A 18 -25.65 20.89 12.32
C GLN A 18 -24.81 21.15 13.56
N VAL A 19 -24.61 20.12 14.39
CA VAL A 19 -23.99 20.39 15.70
C VAL A 19 -22.49 20.71 15.58
N ILE A 20 -21.75 19.97 14.75
CA ILE A 20 -20.30 20.22 14.59
C ILE A 20 -20.04 21.58 13.89
N HIS A 21 -20.82 21.88 12.85
CA HIS A 21 -20.85 23.23 12.27
C HIS A 21 -20.84 24.32 13.35
N GLN A 22 -21.82 24.23 14.24
CA GLN A 22 -21.86 25.10 15.41
C GLN A 22 -20.57 25.12 16.18
N TYR A 23 -20.04 23.95 16.52
CA TYR A 23 -18.88 23.88 17.38
C TYR A 23 -17.80 24.75 16.80
N PHE A 24 -17.62 24.70 15.49
CA PHE A 24 -16.54 25.43 14.80
C PHE A 24 -16.82 26.94 14.81
N ASP A 25 -18.06 27.34 14.51
CA ASP A 25 -18.46 28.76 14.60
C ASP A 25 -18.21 29.24 16.03
N GLU A 26 -18.54 28.42 17.02
CA GLU A 26 -18.42 28.80 18.45
C GLU A 26 -16.97 28.98 18.93
N LYS A 27 -16.00 28.47 18.17
CA LYS A 27 -14.57 28.68 18.45
C LYS A 27 -14.02 29.76 17.55
N ASN A 28 -14.90 30.34 16.75
CA ASN A 28 -14.54 31.47 15.97
C ASN A 28 -13.39 31.08 15.04
N THR A 29 -13.65 30.08 14.20
CA THR A 29 -12.67 29.65 13.20
C THR A 29 -13.38 29.15 11.92
N SER A 30 -12.63 29.08 10.84
CA SER A 30 -13.03 28.39 9.63
C SER A 30 -12.32 27.03 9.55
N GLY A 31 -13.08 25.94 9.52
CA GLY A 31 -12.44 24.64 9.53
C GLY A 31 -13.24 23.46 9.04
N VAL A 32 -12.53 22.35 8.90
CA VAL A 32 -13.17 21.14 8.54
C VAL A 32 -12.64 19.94 9.31
N LEU A 33 -13.50 18.95 9.50
CA LEU A 33 -13.13 17.68 10.09
C LEU A 33 -13.58 16.53 9.17
N VAL A 34 -12.60 15.85 8.59
CA VAL A 34 -12.84 14.72 7.70
C VAL A 34 -12.73 13.41 8.51
N ILE A 35 -13.74 12.58 8.43
CA ILE A 35 -13.73 11.33 9.17
C ILE A 35 -13.79 10.21 8.15
N GLN A 36 -12.88 9.23 8.21
CA GLN A 36 -12.96 8.05 7.29
C GLN A 36 -13.15 6.77 8.09
N THR A 37 -14.29 6.12 7.89
CA THR A 37 -14.52 4.75 8.39
C THR A 37 -14.63 3.82 7.20
N ASP A 38 -14.07 2.62 7.30
CA ASP A 38 -13.84 1.80 6.10
C ASP A 38 -13.60 2.71 4.86
N LYS A 39 -14.50 2.68 3.89
CA LYS A 39 -14.35 3.43 2.63
C LYS A 39 -15.24 4.70 2.52
N LYS A 40 -16.09 4.94 3.54
CA LYS A 40 -16.94 6.16 3.66
C LYS A 40 -16.20 7.36 4.31
N ILE A 41 -16.18 8.50 3.65
CA ILE A 41 -15.60 9.72 4.20
C ILE A 41 -16.67 10.77 4.41
N ASN A 42 -16.83 11.24 5.65
CA ASN A 42 -17.75 12.31 5.94
C ASN A 42 -17.06 13.60 6.25
N LEU A 43 -17.72 14.70 5.90
CA LEU A 43 -17.19 16.02 6.17
C LEU A 43 -18.06 16.75 7.16
N TYR A 44 -17.41 17.42 8.09
CA TYR A 44 -18.08 18.14 9.09
C TYR A 44 -17.35 19.46 9.24
N GLY A 45 -18.03 20.46 9.79
CA GLY A 45 -17.38 21.73 10.05
C GLY A 45 -18.17 22.91 9.50
N ASN A 46 -17.52 24.06 9.47
CA ASN A 46 -18.21 25.27 9.01
C ASN A 46 -17.58 25.81 7.74
N ALA A 47 -16.64 25.05 7.17
CA ALA A 47 -15.97 25.42 5.92
C ALA A 47 -15.57 24.19 5.13
N LEU A 48 -16.58 23.47 4.67
CA LEU A 48 -16.36 22.15 4.08
C LEU A 48 -15.42 22.16 2.87
N SER A 49 -15.27 23.32 2.24
CA SER A 49 -14.55 23.31 0.96
C SER A 49 -13.06 23.18 1.23
N ARG A 50 -12.67 23.40 2.50
CA ARG A 50 -11.27 23.14 2.86
C ARG A 50 -10.85 21.68 2.61
N ALA A 51 -11.79 20.75 2.67
CA ALA A 51 -11.47 19.34 2.59
C ALA A 51 -10.77 18.99 1.29
N ASN A 52 -11.05 19.78 0.25
CA ASN A 52 -10.50 19.55 -1.09
C ASN A 52 -9.47 20.61 -1.46
N THR A 53 -9.13 21.46 -0.50
CA THR A 53 -8.14 22.49 -0.68
C THR A 53 -6.77 21.95 -0.24
N GLU A 54 -5.73 22.27 -0.99
CA GLU A 54 -4.37 21.87 -0.69
C GLU A 54 -3.77 22.81 0.29
N TYR A 55 -3.14 22.28 1.34
CA TYR A 55 -2.26 23.07 2.22
C TYR A 55 -0.92 22.34 2.43
N VAL A 56 0.05 23.02 3.01
CA VAL A 56 1.30 22.39 3.43
C VAL A 56 1.03 21.49 4.65
N PRO A 57 1.64 20.30 4.70
CA PRO A 57 1.32 19.30 5.76
C PRO A 57 1.91 19.75 7.05
N ALA A 58 2.94 20.56 6.91
CA ALA A 58 3.68 21.02 8.07
C ALA A 58 4.10 19.74 8.79
N SER A 59 4.20 19.76 10.10
CA SER A 59 4.69 18.63 10.86
C SER A 59 3.98 17.30 10.60
N THR A 60 2.79 17.32 10.02
CA THR A 60 2.10 16.05 9.81
C THR A 60 2.94 15.18 8.93
N PHE A 61 3.85 15.81 8.17
CA PHE A 61 4.78 15.08 7.34
C PHE A 61 5.77 14.24 8.16
N ASP A 62 5.96 14.54 9.43
CA ASP A 62 6.89 13.75 10.22
C ASP A 62 6.58 12.24 10.18
N MET A 63 5.32 11.88 9.93
CA MET A 63 4.91 10.50 9.85
C MET A 63 5.51 9.85 8.60
N LEU A 64 5.33 10.49 7.45
CA LEU A 64 5.98 10.02 6.23
C LEU A 64 7.54 10.11 6.26
N ASN A 65 8.11 11.13 6.85
CA ASN A 65 9.55 11.20 6.97
C ASN A 65 10.08 9.96 7.76
N ALA A 66 9.46 9.68 8.91
CA ALA A 66 9.86 8.55 9.74
C ALA A 66 9.76 7.24 8.94
N LEU A 67 8.66 7.09 8.21
CA LEU A 67 8.43 5.84 7.43
C LEU A 67 9.58 5.65 6.42
N ILE A 68 9.86 6.70 5.64
CA ILE A 68 10.93 6.67 4.66
C ILE A 68 12.29 6.49 5.34
N GLY A 69 12.52 7.19 6.43
CA GLY A 69 13.79 7.10 7.12
C GLY A 69 14.07 5.70 7.62
N LEU A 70 13.05 5.05 8.20
CA LEU A 70 13.24 3.77 8.84
C LEU A 70 13.33 2.72 7.75
N GLU A 71 12.44 2.84 6.76
CA GLU A 71 12.38 1.88 5.64
C GLU A 71 13.75 1.70 4.96
N ASN A 72 14.47 2.82 4.81
CA ASN A 72 15.77 2.84 4.10
C ASN A 72 16.98 2.83 5.03
N GLN A 73 16.69 2.60 6.31
CA GLN A 73 17.69 2.34 7.31
C GLN A 73 18.65 3.52 7.47
N LYS A 74 18.06 4.72 7.40
CA LYS A 74 18.78 5.93 7.71
C LYS A 74 18.79 6.22 9.17
N THR A 75 17.93 5.52 9.90
CA THR A 75 17.90 5.58 11.36
C THR A 75 17.23 4.31 11.89
N ASP A 76 17.07 4.20 13.20
CA ASP A 76 16.33 3.07 13.79
C ASP A 76 15.71 3.64 15.05
N ILE A 77 14.80 2.88 15.70
CA ILE A 77 13.96 3.43 16.74
C ILE A 77 14.71 3.53 18.04
N ASN A 78 15.94 3.05 18.07
CA ASN A 78 16.78 3.12 19.26
C ASN A 78 17.81 4.28 19.22
N GLU A 79 18.04 4.82 18.04
CA GLU A 79 19.03 5.86 17.83
C GLU A 79 18.71 7.09 18.67
N ILE A 80 19.74 7.68 19.24
CA ILE A 80 19.60 8.86 20.07
C ILE A 80 20.13 10.04 19.33
N PHE A 81 19.22 10.95 18.93
CA PHE A 81 19.64 12.13 18.19
C PHE A 81 20.19 13.15 19.19
N LYS A 82 21.42 13.59 18.93
CA LYS A 82 22.18 14.36 19.90
C LYS A 82 21.79 15.80 19.83
N TRP A 83 21.52 16.42 20.97
CA TRP A 83 21.38 17.88 21.00
C TRP A 83 22.77 18.51 21.15
N LYS A 84 23.21 19.26 20.16
CA LYS A 84 24.57 19.80 20.17
C LYS A 84 24.76 21.01 21.10
N GLY A 85 23.67 21.57 21.63
CA GLY A 85 23.76 22.65 22.63
C GLY A 85 23.23 24.02 22.23
N GLU A 86 22.91 24.22 20.96
CA GLU A 86 22.39 25.51 20.50
C GLU A 86 20.96 25.78 20.99
N LYS A 87 20.58 27.05 21.18
CA LYS A 87 19.20 27.40 21.61
C LYS A 87 18.26 27.04 20.43
N ARG A 88 17.13 26.42 20.75
CA ARG A 88 16.16 25.96 19.72
C ARG A 88 14.81 26.65 19.90
N SER A 89 13.99 26.66 18.86
CA SER A 89 12.72 27.41 18.86
C SER A 89 11.78 27.04 20.00
N PHE A 90 12.00 25.88 20.61
CA PHE A 90 11.24 25.49 21.77
C PHE A 90 12.17 24.80 22.75
N THR A 91 11.94 25.03 24.03
CA THR A 91 12.86 24.57 25.05
C THR A 91 12.79 23.09 25.25
N ALA A 92 11.64 22.52 24.92
CA ALA A 92 11.37 21.09 25.15
C ALA A 92 12.18 20.23 24.16
N TRP A 93 12.60 20.87 23.06
CA TRP A 93 13.48 20.28 22.07
C TRP A 93 14.97 20.19 22.51
N GLU A 94 15.32 20.76 23.66
CA GLU A 94 16.72 20.98 24.00
C GLU A 94 17.27 19.79 24.76
N LYS A 95 17.44 18.68 24.04
CA LYS A 95 17.88 17.43 24.65
C LYS A 95 18.09 16.37 23.59
N ASP A 96 18.83 15.32 23.98
CA ASP A 96 18.96 14.13 23.14
C ASP A 96 17.64 13.38 23.13
N MET A 97 17.24 12.88 21.97
CA MET A 97 15.96 12.18 21.90
C MET A 97 15.93 11.23 20.74
N THR A 98 15.10 10.21 20.87
CA THR A 98 14.82 9.25 19.83
C THR A 98 13.89 9.82 18.74
N LEU A 99 13.76 9.11 17.63
CA LEU A 99 12.81 9.49 16.62
C LEU A 99 11.34 9.58 17.13
N GLY A 100 11.03 8.68 18.06
CA GLY A 100 9.73 8.57 18.69
C GLY A 100 9.43 9.71 19.62
N GLU A 101 10.42 10.06 20.44
CA GLU A 101 10.27 11.20 21.31
C GLU A 101 10.25 12.54 20.51
N ALA A 102 10.99 12.59 19.41
CA ALA A 102 10.86 13.71 18.47
C ALA A 102 9.48 13.75 17.84
N MET A 103 8.89 12.59 17.53
CA MET A 103 7.56 12.60 16.91
C MET A 103 6.56 13.35 17.85
N LYS A 104 6.56 12.91 19.09
CA LYS A 104 5.67 13.42 20.11
C LYS A 104 5.86 14.91 20.37
N LEU A 105 7.09 15.38 20.40
CA LEU A 105 7.37 16.79 20.65
C LEU A 105 7.32 17.61 19.37
N SER A 106 7.06 16.96 18.24
CA SER A 106 7.25 17.66 17.00
C SER A 106 8.58 18.43 16.86
N ALA A 107 9.71 17.80 17.23
CA ALA A 107 11.04 18.39 17.05
C ALA A 107 11.47 18.51 15.62
N VAL A 108 11.21 19.66 15.04
CA VAL A 108 11.67 19.90 13.66
C VAL A 108 13.16 19.54 13.35
N PRO A 109 14.11 19.89 14.25
CA PRO A 109 15.52 19.73 13.82
C PRO A 109 15.94 18.26 13.59
N VAL A 110 15.39 17.38 14.41
CA VAL A 110 15.47 15.91 14.16
C VAL A 110 14.91 15.48 12.81
N TYR A 111 13.68 15.92 12.52
CA TYR A 111 13.07 15.59 11.24
C TYR A 111 13.84 16.22 10.07
N GLN A 112 14.49 17.36 10.29
CA GLN A 112 15.40 17.90 9.24
C GLN A 112 16.73 17.13 9.08
N GLU A 113 17.36 16.76 10.19
CA GLU A 113 18.51 15.85 10.07
C GLU A 113 18.16 14.60 9.32
N LEU A 114 17.05 13.98 9.72
CA LEU A 114 16.63 12.77 9.06
C LEU A 114 16.40 13.00 7.59
N ALA A 115 15.72 14.09 7.22
CA ALA A 115 15.45 14.36 5.79
C ALA A 115 16.74 14.47 4.99
N ARG A 116 17.73 15.10 5.59
CA ARG A 116 19.03 15.25 4.89
C ARG A 116 19.70 13.89 4.66
N ARG A 117 19.66 13.01 5.67
CA ARG A 117 20.20 11.66 5.56
C ARG A 117 19.54 10.96 4.43
N ILE A 118 18.23 11.09 4.37
CA ILE A 118 17.46 10.56 3.28
C ILE A 118 17.95 11.20 1.95
N GLY A 119 18.08 12.51 1.93
CA GLY A 119 18.49 13.25 0.72
C GLY A 119 17.45 13.29 -0.38
N LEU A 120 17.62 14.19 -1.35
CA LEU A 120 16.51 14.61 -2.24
C LEU A 120 15.98 13.52 -3.19
N ASP A 121 16.87 12.73 -3.79
CA ASP A 121 16.40 11.80 -4.84
C ASP A 121 15.47 10.74 -4.23
N LEU A 122 15.90 10.15 -3.13
CA LEU A 122 15.13 9.10 -2.45
C LEU A 122 13.80 9.65 -1.88
N MET A 123 13.91 10.78 -1.21
CA MET A 123 12.74 11.56 -0.75
C MET A 123 11.68 11.73 -1.85
N GLN A 124 12.09 12.09 -3.08
CA GLN A 124 11.10 12.45 -4.11
C GLN A 124 10.60 11.20 -4.88
N LYS A 125 11.49 10.22 -5.04
CA LYS A 125 11.07 8.91 -5.50
C LYS A 125 10.00 8.38 -4.53
N GLU A 126 10.19 8.60 -3.23
CA GLU A 126 9.35 7.92 -2.17
C GLU A 126 8.03 8.68 -2.09
N VAL A 127 8.10 10.00 -2.05
CA VAL A 127 6.89 10.81 -2.09
C VAL A 127 6.04 10.63 -3.35
N LYS A 128 6.66 10.49 -4.52
CA LYS A 128 5.90 10.15 -5.74
C LYS A 128 5.38 8.75 -5.68
N ARG A 129 6.20 7.84 -5.15
CA ARG A 129 5.77 6.47 -4.98
C ARG A 129 4.51 6.42 -4.09
N ILE A 130 4.50 7.17 -3.00
CA ILE A 130 3.38 7.09 -2.05
C ILE A 130 2.18 7.89 -2.60
N GLY A 131 2.48 8.97 -3.33
CA GLY A 131 1.44 9.77 -3.98
C GLY A 131 0.85 10.70 -2.96
N PHE A 132 1.72 11.26 -2.11
CA PHE A 132 1.29 12.12 -1.02
C PHE A 132 1.09 13.56 -1.51
N GLY A 133 -0.15 13.99 -1.50
CA GLY A 133 -0.50 15.36 -1.83
C GLY A 133 -0.24 15.56 -3.31
N ASN A 134 0.43 16.65 -3.61
CA ASN A 134 0.86 16.91 -4.96
C ASN A 134 2.32 16.47 -5.16
N ALA A 135 2.79 15.61 -4.26
CA ALA A 135 4.10 14.99 -4.39
C ALA A 135 5.18 15.93 -4.92
N GLU A 136 5.12 17.21 -4.56
CA GLU A 136 6.10 18.18 -5.01
C GLU A 136 7.01 18.56 -3.87
N ILE A 137 8.25 18.10 -3.97
CA ILE A 137 9.30 18.36 -3.00
C ILE A 137 10.19 19.47 -3.48
N GLY A 138 10.15 19.71 -4.80
CA GLY A 138 11.09 20.55 -5.49
C GLY A 138 12.50 20.32 -4.98
N GLN A 139 13.09 21.37 -4.43
CA GLN A 139 14.50 21.49 -4.53
C GLN A 139 15.19 21.55 -3.20
N GLN A 140 14.56 22.09 -2.18
CA GLN A 140 15.19 22.00 -0.87
C GLN A 140 14.69 20.76 -0.08
N VAL A 141 15.58 19.77 0.13
CA VAL A 141 15.27 18.55 0.91
C VAL A 141 14.82 18.78 2.36
N ASP A 142 15.30 19.84 3.00
CA ASP A 142 15.11 19.96 4.46
C ASP A 142 13.98 20.89 5.00
N ASN A 143 13.05 21.30 4.13
CA ASN A 143 11.89 22.14 4.56
C ASN A 143 10.70 22.16 3.60
N PHE A 144 10.73 21.33 2.57
CA PHE A 144 9.66 21.29 1.63
C PHE A 144 8.26 21.03 2.24
N TRP A 145 8.18 20.30 3.35
CA TRP A 145 6.88 20.05 4.04
C TRP A 145 6.38 21.19 4.90
N LEU A 146 7.28 22.10 5.29
CA LEU A 146 6.91 23.26 6.13
C LEU A 146 6.53 24.58 5.38
N VAL A 147 7.16 24.86 4.23
CA VAL A 147 6.95 26.13 3.47
C VAL A 147 6.45 25.90 2.04
N GLY A 148 6.25 24.66 1.66
CA GLY A 148 6.03 24.31 0.28
C GLY A 148 7.35 23.97 -0.33
N PRO A 149 7.34 23.44 -1.55
CA PRO A 149 6.12 23.45 -2.34
C PRO A 149 5.12 22.34 -1.95
N LEU A 150 5.49 21.43 -1.04
CA LEU A 150 4.63 20.24 -0.83
C LEU A 150 3.31 20.66 -0.22
N LYS A 151 2.22 20.19 -0.84
CA LYS A 151 0.89 20.44 -0.33
C LYS A 151 0.05 19.19 -0.42
N VAL A 152 -1.03 19.18 0.39
CA VAL A 152 -1.91 18.02 0.53
C VAL A 152 -3.27 18.48 1.04
N THR A 153 -4.32 17.80 0.63
CA THR A 153 -5.65 18.17 1.14
C THR A 153 -6.04 17.39 2.41
N PRO A 154 -7.08 17.86 3.09
CA PRO A 154 -7.47 17.13 4.27
C PRO A 154 -8.02 15.75 4.00
N ILE A 155 -8.68 15.58 2.86
CA ILE A 155 -9.12 14.27 2.41
C ILE A 155 -7.94 13.34 2.10
N GLN A 156 -6.84 13.90 1.60
CA GLN A 156 -5.68 13.05 1.27
C GLN A 156 -5.01 12.63 2.58
N GLU A 157 -4.96 13.53 3.54
CA GLU A 157 -4.34 13.18 4.76
C GLU A 157 -5.09 12.04 5.44
N VAL A 158 -6.43 12.11 5.48
CA VAL A 158 -7.14 11.12 6.21
C VAL A 158 -6.99 9.77 5.55
N GLU A 159 -6.98 9.78 4.22
CA GLU A 159 -6.64 8.57 3.47
C GLU A 159 -5.21 8.03 3.76
N PHE A 160 -4.22 8.92 3.91
CA PHE A 160 -2.89 8.51 4.32
C PHE A 160 -2.91 7.86 5.74
N VAL A 161 -3.42 8.57 6.77
CA VAL A 161 -3.45 7.99 8.10
C VAL A 161 -4.33 6.76 8.24
N SER A 162 -5.45 6.68 7.48
CA SER A 162 -6.23 5.44 7.43
C SER A 162 -5.39 4.23 6.97
N GLN A 163 -4.62 4.42 5.91
CA GLN A 163 -3.76 3.36 5.40
C GLN A 163 -2.61 3.04 6.41
N LEU A 164 -2.08 4.05 7.09
CA LEU A 164 -1.06 3.77 8.11
C LEU A 164 -1.68 2.92 9.24
N ALA A 165 -2.83 3.35 9.72
CA ALA A 165 -3.59 2.63 10.75
C ALA A 165 -3.79 1.19 10.43
N HIS A 166 -4.21 0.93 9.19
CA HIS A 166 -4.45 -0.40 8.75
C HIS A 166 -3.22 -1.17 8.19
N THR A 167 -2.00 -0.58 8.23
CA THR A 167 -0.79 -1.27 7.71
C THR A 167 -0.97 -1.58 6.21
N GLN A 168 -1.53 -0.62 5.48
CA GLN A 168 -1.82 -0.76 4.03
C GLN A 168 -0.90 0.15 3.24
N LEU A 169 -0.02 0.90 3.89
CA LEU A 169 0.91 1.70 3.10
C LEU A 169 2.02 0.85 2.52
N PRO A 170 2.65 1.31 1.43
CA PRO A 170 3.65 0.42 0.76
C PRO A 170 5.04 0.48 1.39
N PHE A 171 5.08 0.14 2.68
CA PHE A 171 6.27 0.11 3.54
C PHE A 171 6.31 -1.22 4.26
N SER A 172 7.46 -1.57 4.82
CA SER A 172 7.49 -2.81 5.63
C SER A 172 6.44 -2.80 6.75
N GLU A 173 5.89 -3.96 7.08
CA GLU A 173 4.93 -4.03 8.17
C GLU A 173 5.53 -3.56 9.49
N LYS A 174 6.80 -3.87 9.74
CA LYS A 174 7.43 -3.56 11.04
C LYS A 174 7.63 -2.05 11.13
N VAL A 175 7.96 -1.46 9.99
CA VAL A 175 8.22 -0.03 9.95
C VAL A 175 6.92 0.73 10.23
N GLN A 176 5.85 0.32 9.57
CA GLN A 176 4.53 0.87 9.84
C GLN A 176 4.15 0.72 11.34
N ALA A 177 4.41 -0.46 11.92
CA ALA A 177 4.06 -0.70 13.33
C ALA A 177 4.88 0.22 14.21
N ASN A 178 6.15 0.44 13.85
CA ASN A 178 7.04 1.28 14.66
C ASN A 178 6.63 2.76 14.64
N VAL A 179 6.21 3.21 13.48
CA VAL A 179 5.70 4.57 13.38
C VAL A 179 4.34 4.73 14.03
N LYS A 180 3.42 3.76 13.87
CA LYS A 180 2.16 3.80 14.65
C LYS A 180 2.47 3.99 16.16
N ASN A 181 3.41 3.20 16.67
CA ASN A 181 3.71 3.21 18.12
C ASN A 181 4.28 4.55 18.63
N MET A 182 4.72 5.40 17.71
CA MET A 182 5.17 6.73 18.06
C MET A 182 4.03 7.71 18.19
N LEU A 183 2.83 7.32 17.78
CA LEU A 183 1.76 8.32 17.60
C LEU A 183 0.64 8.34 18.67
N LEU A 184 0.79 7.59 19.76
CA LEU A 184 -0.31 7.45 20.73
C LEU A 184 -0.40 8.73 21.52
N LEU A 185 -1.55 9.41 21.45
CA LEU A 185 -1.79 10.70 22.09
C LEU A 185 -2.53 10.54 23.43
N GLU A 186 -3.54 9.68 23.48
CA GLU A 186 -4.47 9.63 24.61
C GLU A 186 -5.12 8.25 24.61
N GLU A 187 -5.60 7.81 25.75
CA GLU A 187 -6.26 6.53 25.86
C GLU A 187 -7.14 6.44 27.10
N SER A 188 -8.36 5.93 26.92
CA SER A 188 -9.37 5.99 27.96
C SER A 188 -10.62 5.28 27.52
N ASN A 189 -11.20 4.53 28.44
CA ASN A 189 -12.39 3.72 28.17
C ASN A 189 -12.09 2.61 27.18
N GLY A 190 -10.82 2.19 27.11
CA GLY A 190 -10.35 1.30 26.07
C GLY A 190 -10.29 1.87 24.65
N TYR A 191 -10.62 3.17 24.47
CA TYR A 191 -10.45 3.87 23.17
C TYR A 191 -9.04 4.47 23.06
N LYS A 192 -8.28 4.14 22.02
CA LYS A 192 -6.99 4.82 21.80
C LYS A 192 -7.10 5.82 20.67
N ILE A 193 -6.45 6.97 20.85
CA ILE A 193 -6.39 8.01 19.86
C ILE A 193 -5.00 8.27 19.41
N PHE A 194 -4.72 8.00 18.12
CA PHE A 194 -3.39 8.24 17.58
C PHE A 194 -3.43 9.39 16.65
N GLY A 195 -2.36 10.17 16.66
CA GLY A 195 -2.23 11.27 15.71
C GLY A 195 -1.08 12.24 15.86
N LYS A 196 -1.14 13.28 15.03
CA LYS A 196 -0.07 14.24 14.87
C LYS A 196 -0.61 15.62 14.54
N THR A 197 -0.17 16.60 15.30
CA THR A 197 -0.46 18.01 14.99
C THR A 197 0.46 18.64 13.98
N GLY A 198 0.04 19.78 13.45
CA GLY A 198 0.85 20.52 12.52
C GLY A 198 0.30 21.91 12.38
N TRP A 199 1.18 22.84 12.00
CA TRP A 199 0.90 24.28 12.14
C TRP A 199 1.96 25.04 11.40
N ALA A 200 1.54 25.77 10.37
CA ALA A 200 2.44 26.57 9.56
C ALA A 200 1.99 28.03 9.46
N MET A 201 2.97 28.93 9.48
CA MET A 201 2.77 30.34 9.82
C MET A 201 2.81 31.28 8.60
N ASP A 202 2.64 30.73 7.39
CA ASP A 202 2.66 31.50 6.13
C ASP A 202 1.93 32.86 6.25
N ILE A 203 2.48 33.90 5.60
CA ILE A 203 1.95 35.26 5.72
C ILE A 203 0.49 35.36 5.25
N LYS A 204 0.10 34.55 4.27
CA LYS A 204 -1.33 34.33 3.98
C LYS A 204 -2.07 33.94 5.25
N SER A 205 -2.82 32.83 5.21
CA SER A 205 -3.44 32.29 6.41
C SER A 205 -2.47 31.38 7.16
N GLN A 206 -2.81 31.07 8.41
CA GLN A 206 -2.14 30.01 9.14
C GLN A 206 -3.00 28.74 9.15
N VAL A 207 -2.44 27.61 8.73
CA VAL A 207 -3.16 26.34 8.74
C VAL A 207 -2.73 25.47 9.88
N GLY A 208 -3.71 25.02 10.68
CA GLY A 208 -3.51 24.06 11.77
C GLY A 208 -4.08 22.66 11.47
N TRP A 209 -3.33 21.62 11.83
CA TRP A 209 -3.70 20.25 11.47
C TRP A 209 -3.81 19.45 12.73
N LEU A 210 -4.69 18.47 12.71
CA LEU A 210 -4.57 17.33 13.63
C LEU A 210 -5.16 16.14 12.92
N THR A 211 -4.32 15.16 12.68
CA THR A 211 -4.61 14.04 11.78
C THR A 211 -4.18 12.75 12.49
N GLY A 212 -5.03 11.75 12.46
CA GLY A 212 -4.76 10.51 13.19
C GLY A 212 -5.92 9.62 13.19
N TRP A 213 -6.06 8.79 14.24
CA TRP A 213 -7.19 7.91 14.26
C TRP A 213 -7.58 7.49 15.64
N VAL A 214 -8.80 7.01 15.73
CA VAL A 214 -9.27 6.29 16.89
C VAL A 214 -9.24 4.81 16.70
N GLU A 215 -8.70 4.11 17.66
CA GLU A 215 -8.85 2.67 17.67
C GLU A 215 -9.84 2.27 18.75
N GLN A 216 -11.00 1.80 18.36
CA GLN A 216 -12.05 1.52 19.33
C GLN A 216 -11.82 0.18 20.07
N PRO A 217 -12.57 -0.08 21.18
CA PRO A 217 -12.20 -1.26 22.01
C PRO A 217 -12.17 -2.55 21.24
N ASP A 218 -13.10 -2.70 20.31
CA ASP A 218 -13.16 -3.90 19.50
C ASP A 218 -12.19 -3.93 18.34
N GLY A 219 -11.28 -2.96 18.25
CA GLY A 219 -10.26 -2.96 17.18
C GLY A 219 -10.58 -2.01 16.01
N LYS A 220 -11.86 -1.72 15.80
CA LYS A 220 -12.24 -0.81 14.72
C LYS A 220 -11.53 0.53 14.71
N ILE A 221 -11.16 0.94 13.50
CA ILE A 221 -10.36 2.13 13.32
C ILE A 221 -11.25 3.21 12.72
N VAL A 222 -11.29 4.37 13.33
CA VAL A 222 -11.94 5.55 12.70
C VAL A 222 -10.93 6.69 12.54
N ALA A 223 -10.55 6.96 11.31
CA ALA A 223 -9.54 7.99 11.03
C ALA A 223 -10.13 9.40 10.86
N PHE A 224 -9.32 10.39 11.23
CA PHE A 224 -9.71 11.81 11.21
C PHE A 224 -8.63 12.78 10.71
N ALA A 225 -9.09 13.87 10.11
CA ALA A 225 -8.16 14.92 9.73
C ALA A 225 -8.83 16.24 9.95
N LEU A 226 -8.46 16.88 11.07
CA LEU A 226 -8.94 18.21 11.37
C LEU A 226 -8.02 19.22 10.70
N ASN A 227 -8.61 20.24 10.09
CA ASN A 227 -7.87 21.25 9.32
C ASN A 227 -8.62 22.58 9.44
N MET A 228 -8.01 23.51 10.17
CA MET A 228 -8.63 24.77 10.50
C MET A 228 -7.66 25.94 10.32
N GLU A 229 -8.22 27.15 10.33
CA GLU A 229 -7.43 28.39 10.23
C GLU A 229 -7.07 28.76 11.64
N MET A 230 -5.78 28.99 11.85
CA MET A 230 -5.25 29.22 13.19
C MET A 230 -5.06 30.73 13.34
N ARG A 231 -5.05 31.20 14.58
CA ARG A 231 -4.51 32.51 14.87
C ARG A 231 -3.62 32.43 16.10
N SER A 232 -2.58 33.26 16.11
CA SER A 232 -1.63 33.33 17.21
C SER A 232 -2.30 33.49 18.59
N GLU A 233 -3.49 34.09 18.64
CA GLU A 233 -4.27 34.24 19.88
C GLU A 233 -4.90 32.93 20.42
N MET A 234 -5.01 31.92 19.57
CA MET A 234 -5.63 30.63 19.96
C MET A 234 -4.61 29.85 20.79
N PRO A 235 -5.06 29.18 21.88
CA PRO A 235 -4.25 28.09 22.49
C PRO A 235 -3.86 27.02 21.45
N ALA A 236 -2.74 26.32 21.65
CA ALA A 236 -2.40 25.17 20.80
C ALA A 236 -3.42 24.05 21.07
N SER A 237 -3.87 23.99 22.33
CA SER A 237 -4.99 23.14 22.81
C SER A 237 -6.28 23.08 21.97
N ILE A 238 -6.52 24.09 21.15
CA ILE A 238 -7.84 24.31 20.57
C ILE A 238 -8.15 23.22 19.54
N ARG A 239 -7.11 22.75 18.86
CA ARG A 239 -7.27 21.67 17.88
C ARG A 239 -7.79 20.36 18.55
N ASN A 240 -7.18 20.01 19.68
CA ASN A 240 -7.51 18.82 20.40
C ASN A 240 -8.85 18.93 21.06
N GLU A 241 -9.18 20.14 21.50
CA GLU A 241 -10.45 20.35 22.15
C GLU A 241 -11.63 20.18 21.16
N LEU A 242 -11.48 20.79 20.00
CA LEU A 242 -12.50 20.75 18.97
C LEU A 242 -12.64 19.33 18.39
N LEU A 243 -11.50 18.66 18.17
CA LEU A 243 -11.51 17.25 17.74
C LEU A 243 -12.23 16.37 18.76
N MET A 244 -11.89 16.48 20.05
CA MET A 244 -12.49 15.57 21.05
C MET A 244 -13.98 15.81 21.26
N LYS A 245 -14.42 17.06 21.17
CA LYS A 245 -15.86 17.39 21.27
C LYS A 245 -16.59 16.77 20.12
N SER A 246 -15.99 16.86 18.94
CA SER A 246 -16.64 16.39 17.75
C SER A 246 -16.68 14.87 17.70
N LEU A 247 -15.57 14.23 18.01
CA LEU A 247 -15.57 12.79 18.12
C LEU A 247 -16.67 12.28 19.06
N LYS A 248 -16.79 12.85 20.25
CA LYS A 248 -17.83 12.42 21.22
C LYS A 248 -19.24 12.61 20.65
N GLN A 249 -19.45 13.70 19.96
CA GLN A 249 -20.75 14.01 19.44
C GLN A 249 -21.13 13.03 18.38
N LEU A 250 -20.15 12.60 17.58
CA LEU A 250 -20.41 11.57 16.58
C LEU A 250 -20.39 10.15 17.22
N ASN A 251 -20.20 10.03 18.53
CA ASN A 251 -20.14 8.69 19.18
C ASN A 251 -19.00 7.81 18.63
N ILE A 252 -17.90 8.42 18.25
CA ILE A 252 -16.77 7.69 17.77
C ILE A 252 -15.96 7.30 18.98
N ILE A 253 -15.99 8.17 19.98
CA ILE A 253 -15.50 7.85 21.30
C ILE A 253 -16.60 8.13 22.32
N ASN B 17 -11.78 -5.43 -29.51
CA ASN B 17 -10.81 -6.07 -30.43
C ASN B 17 -11.24 -7.47 -30.93
N GLN B 18 -11.33 -7.59 -32.25
CA GLN B 18 -11.95 -8.75 -32.92
C GLN B 18 -10.85 -9.78 -33.17
N VAL B 19 -9.63 -9.28 -33.37
CA VAL B 19 -8.45 -10.11 -33.53
C VAL B 19 -8.22 -11.02 -32.31
N ILE B 20 -8.19 -10.44 -31.10
CA ILE B 20 -7.88 -11.22 -29.91
C ILE B 20 -9.00 -12.15 -29.52
N HIS B 21 -10.24 -11.73 -29.78
CA HIS B 21 -11.39 -12.61 -29.69
C HIS B 21 -11.12 -13.91 -30.43
N GLN B 22 -10.54 -13.76 -31.61
CA GLN B 22 -10.41 -14.84 -32.57
C GLN B 22 -9.22 -15.78 -32.21
N TYR B 23 -8.15 -15.20 -31.66
CA TYR B 23 -7.07 -15.99 -31.02
C TYR B 23 -7.63 -17.01 -30.03
N PHE B 24 -8.63 -16.63 -29.23
CA PHE B 24 -9.24 -17.60 -28.29
C PHE B 24 -10.18 -18.57 -28.99
N ASP B 25 -11.00 -18.07 -29.92
CA ASP B 25 -11.96 -18.96 -30.66
C ASP B 25 -11.27 -20.08 -31.40
N GLU B 26 -10.19 -19.72 -32.11
CA GLU B 26 -9.45 -20.72 -32.90
C GLU B 26 -8.83 -21.81 -32.04
N LYS B 27 -8.61 -21.53 -30.74
CA LYS B 27 -8.20 -22.58 -29.78
C LYS B 27 -9.38 -23.32 -29.11
N ASN B 28 -10.61 -22.89 -29.41
CA ASN B 28 -11.81 -23.60 -28.92
C ASN B 28 -11.84 -23.59 -27.40
N THR B 29 -11.48 -22.46 -26.83
CA THR B 29 -11.48 -22.32 -25.39
C THR B 29 -12.04 -20.95 -25.06
N SER B 30 -12.45 -20.78 -23.81
CA SER B 30 -12.93 -19.49 -23.34
C SER B 30 -11.87 -18.81 -22.47
N GLY B 31 -11.69 -17.52 -22.69
CA GLY B 31 -10.68 -16.77 -22.01
C GLY B 31 -10.85 -15.28 -22.06
N VAL B 32 -10.11 -14.62 -21.20
CA VAL B 32 -10.09 -13.20 -21.20
C VAL B 32 -8.66 -12.77 -20.96
N LEU B 33 -8.34 -11.56 -21.42
CA LEU B 33 -7.07 -10.93 -21.17
C LEU B 33 -7.39 -9.56 -20.68
N VAL B 34 -6.97 -9.30 -19.46
CA VAL B 34 -7.22 -8.06 -18.81
C VAL B 34 -5.92 -7.26 -18.85
N ILE B 35 -6.03 -5.98 -19.26
CA ILE B 35 -4.92 -5.08 -19.38
C ILE B 35 -5.11 -3.88 -18.46
N GLN B 36 -4.06 -3.52 -17.72
CA GLN B 36 -4.12 -2.35 -16.86
C GLN B 36 -2.96 -1.44 -17.11
N THR B 37 -3.30 -0.23 -17.55
CA THR B 37 -2.32 0.77 -17.85
C THR B 37 -2.66 1.94 -16.97
N ASP B 38 -1.69 2.44 -16.22
CA ASP B 38 -1.90 3.56 -15.32
C ASP B 38 -3.40 3.77 -15.01
N LYS B 39 -4.09 2.70 -14.59
CA LYS B 39 -5.44 2.76 -13.99
C LYS B 39 -6.67 2.91 -14.93
N LYS B 40 -6.51 2.63 -16.23
CA LYS B 40 -7.62 2.11 -17.04
C LYS B 40 -7.43 0.59 -17.20
N ILE B 41 -8.50 -0.17 -16.94
CA ILE B 41 -8.59 -1.59 -17.25
C ILE B 41 -9.32 -1.76 -18.59
N ASN B 42 -8.76 -2.57 -19.49
CA ASN B 42 -9.51 -3.08 -20.63
C ASN B 42 -9.53 -4.59 -20.67
N LEU B 43 -10.64 -5.14 -21.17
CA LEU B 43 -10.87 -6.56 -21.28
C LEU B 43 -10.86 -6.97 -22.74
N TYR B 44 -10.19 -8.07 -23.06
CA TYR B 44 -10.11 -8.57 -24.43
C TYR B 44 -10.32 -10.07 -24.35
N GLY B 45 -10.58 -10.68 -25.50
CA GLY B 45 -10.88 -12.10 -25.51
C GLY B 45 -12.30 -12.43 -25.91
N ASN B 46 -12.70 -13.68 -25.68
CA ASN B 46 -13.99 -14.20 -26.12
C ASN B 46 -14.94 -14.62 -25.00
N ALA B 47 -14.57 -14.36 -23.73
CA ALA B 47 -15.41 -14.71 -22.58
C ALA B 47 -15.12 -13.69 -21.51
N LEU B 48 -15.50 -12.44 -21.82
CA LEU B 48 -15.17 -11.31 -21.01
C LEU B 48 -15.73 -11.40 -19.59
N SER B 49 -16.72 -12.26 -19.38
CA SER B 49 -17.35 -12.38 -18.05
C SER B 49 -16.44 -13.12 -17.05
N ARG B 50 -15.45 -13.82 -17.57
CA ARG B 50 -14.47 -14.48 -16.73
C ARG B 50 -13.75 -13.47 -15.87
N ALA B 51 -13.65 -12.23 -16.35
CA ALA B 51 -12.80 -11.23 -15.76
C ALA B 51 -13.27 -10.97 -14.35
N ASN B 52 -14.53 -11.33 -14.11
CA ASN B 52 -15.18 -11.07 -12.83
C ASN B 52 -15.64 -12.32 -12.15
N THR B 53 -15.17 -13.46 -12.63
CA THR B 53 -15.46 -14.74 -12.02
C THR B 53 -14.30 -15.18 -11.17
N GLU B 54 -14.61 -15.90 -10.09
CA GLU B 54 -13.60 -16.26 -9.11
C GLU B 54 -13.06 -17.58 -9.54
N TYR B 55 -11.73 -17.70 -9.55
CA TYR B 55 -11.06 -19.00 -9.61
C TYR B 55 -9.99 -19.16 -8.55
N VAL B 56 -9.64 -20.40 -8.25
CA VAL B 56 -8.42 -20.70 -7.51
C VAL B 56 -7.24 -20.05 -8.27
N PRO B 57 -6.38 -19.30 -7.55
CA PRO B 57 -5.24 -18.61 -8.17
C PRO B 57 -4.22 -19.63 -8.69
N ALA B 58 -4.35 -20.88 -8.24
CA ALA B 58 -3.34 -21.90 -8.41
C ALA B 58 -1.95 -21.34 -8.14
N SER B 59 -0.99 -21.64 -8.97
CA SER B 59 0.41 -21.21 -8.73
C SER B 59 0.69 -19.69 -8.84
N THR B 60 -0.23 -18.91 -9.41
CA THR B 60 -0.06 -17.46 -9.45
C THR B 60 0.10 -16.99 -8.03
N PHE B 61 -0.34 -17.81 -7.09
CA PHE B 61 -0.28 -17.45 -5.70
C PHE B 61 1.14 -17.52 -5.11
N ASP B 62 2.03 -18.23 -5.79
CA ASP B 62 3.47 -18.22 -5.45
C ASP B 62 4.01 -16.80 -5.22
N MET B 63 3.57 -15.84 -6.03
CA MET B 63 3.97 -14.45 -5.84
C MET B 63 3.65 -13.92 -4.44
N LEU B 64 2.44 -14.15 -3.95
CA LEU B 64 2.07 -13.58 -2.62
C LEU B 64 2.73 -14.37 -1.46
N ASN B 65 2.83 -15.68 -1.62
CA ASN B 65 3.52 -16.56 -0.69
C ASN B 65 4.96 -16.14 -0.48
N ALA B 66 5.65 -15.90 -1.57
CA ALA B 66 7.00 -15.33 -1.52
C ALA B 66 7.03 -14.03 -0.78
N LEU B 67 6.11 -13.10 -1.09
CA LEU B 67 6.13 -11.79 -0.36
C LEU B 67 5.98 -11.99 1.15
N ILE B 68 5.02 -12.82 1.51
CA ILE B 68 4.74 -13.08 2.89
C ILE B 68 5.95 -13.73 3.56
N GLY B 69 6.55 -14.69 2.87
CA GLY B 69 7.67 -15.45 3.37
C GLY B 69 8.90 -14.61 3.60
N LEU B 70 9.18 -13.71 2.66
CA LEU B 70 10.37 -12.91 2.77
C LEU B 70 10.14 -11.81 3.79
N GLU B 71 8.94 -11.23 3.79
CA GLU B 71 8.62 -10.15 4.71
C GLU B 71 8.75 -10.64 6.18
N ASN B 72 8.27 -11.85 6.43
CA ASN B 72 8.23 -12.38 7.77
C ASN B 72 9.48 -13.20 8.08
N GLN B 73 10.46 -13.09 7.20
CA GLN B 73 11.78 -13.64 7.44
C GLN B 73 11.75 -15.14 7.67
N LYS B 74 10.95 -15.83 6.86
CA LYS B 74 10.84 -17.27 6.91
C LYS B 74 11.76 -17.94 5.90
N THR B 75 12.36 -17.13 5.03
CA THR B 75 13.35 -17.60 4.08
C THR B 75 14.08 -16.36 3.57
N ASP B 76 14.97 -16.53 2.63
CA ASP B 76 15.66 -15.38 2.00
C ASP B 76 16.00 -15.78 0.60
N ILE B 77 16.44 -14.83 -0.20
CA ILE B 77 16.54 -15.09 -1.62
C ILE B 77 17.71 -16.05 -1.94
N ASN B 78 18.64 -16.22 -1.00
CA ASN B 78 19.77 -17.13 -1.20
C ASN B 78 19.59 -18.57 -0.69
N GLU B 79 18.58 -18.80 0.15
CA GLU B 79 18.41 -20.13 0.74
C GLU B 79 18.30 -21.18 -0.33
N ILE B 80 18.96 -22.32 -0.10
CA ILE B 80 18.76 -23.55 -0.89
C ILE B 80 17.76 -24.50 -0.23
N PHE B 81 16.69 -24.82 -0.97
CA PHE B 81 15.77 -25.90 -0.61
C PHE B 81 16.19 -27.19 -1.36
N GLY B 85 15.40 -34.70 -5.48
CA GLY B 85 15.73 -35.75 -4.51
C GLY B 85 14.68 -36.87 -4.47
N GLU B 86 13.46 -36.54 -4.06
CA GLU B 86 12.29 -37.42 -4.25
C GLU B 86 12.05 -37.50 -5.78
N LYS B 87 11.51 -38.61 -6.29
CA LYS B 87 10.94 -38.60 -7.64
C LYS B 87 9.81 -37.57 -7.68
N ARG B 88 10.06 -36.44 -8.34
CA ARG B 88 9.14 -35.30 -8.31
C ARG B 88 7.98 -35.54 -9.26
N SER B 89 6.92 -34.73 -9.12
CA SER B 89 5.86 -34.72 -10.12
C SER B 89 6.38 -34.31 -11.50
N PHE B 90 7.43 -33.50 -11.55
CA PHE B 90 8.05 -33.16 -12.83
C PHE B 90 9.58 -33.23 -12.67
N THR B 91 10.29 -33.19 -13.82
CA THR B 91 11.74 -33.41 -13.81
C THR B 91 12.33 -32.46 -12.80
N ALA B 92 12.20 -31.17 -13.12
CA ALA B 92 12.96 -30.11 -12.47
C ALA B 92 12.82 -30.14 -10.95
N TRP B 93 11.60 -30.32 -10.47
CA TRP B 93 11.34 -30.32 -9.03
C TRP B 93 12.28 -31.25 -8.24
N LYS B 95 15.37 -31.74 -7.00
CA LYS B 95 16.61 -31.08 -6.57
C LYS B 95 16.44 -30.01 -5.46
N ASP B 96 17.50 -29.83 -4.65
CA ASP B 96 17.69 -28.60 -3.90
C ASP B 96 17.69 -27.36 -4.87
N MET B 97 16.99 -26.28 -4.48
CA MET B 97 16.83 -25.06 -5.36
C MET B 97 16.43 -23.82 -4.54
N THR B 98 16.70 -22.63 -5.07
CA THR B 98 16.27 -21.36 -4.41
C THR B 98 14.79 -21.04 -4.64
N LEU B 99 14.26 -20.16 -3.80
CA LEU B 99 12.91 -19.64 -3.94
C LEU B 99 12.64 -19.12 -5.34
N GLY B 100 13.57 -18.36 -5.91
CA GLY B 100 13.38 -17.77 -7.22
C GLY B 100 13.41 -18.80 -8.34
N GLU B 101 14.21 -19.83 -8.14
CA GLU B 101 14.24 -20.94 -9.06
C GLU B 101 12.94 -21.71 -8.99
N ALA B 102 12.46 -21.94 -7.77
CA ALA B 102 11.16 -22.55 -7.57
C ALA B 102 10.04 -21.68 -8.19
N MET B 103 10.19 -20.36 -8.13
CA MET B 103 9.23 -19.44 -8.80
C MET B 103 9.17 -19.74 -10.30
N LYS B 104 10.32 -19.83 -10.92
CA LYS B 104 10.36 -19.96 -12.39
C LYS B 104 9.91 -21.35 -12.85
N LEU B 105 10.22 -22.38 -12.08
CA LEU B 105 9.81 -23.73 -12.40
C LEU B 105 8.40 -24.03 -11.87
N SER B 106 7.85 -23.15 -11.03
CA SER B 106 6.58 -23.44 -10.35
C SER B 106 6.64 -24.69 -9.42
N ALA B 107 7.65 -24.74 -8.57
CA ALA B 107 7.98 -25.94 -7.82
C ALA B 107 7.20 -26.01 -6.58
N VAL B 108 5.97 -26.51 -6.75
CA VAL B 108 4.97 -26.55 -5.69
C VAL B 108 5.49 -27.00 -4.30
N PRO B 109 6.34 -28.05 -4.25
CA PRO B 109 6.78 -28.47 -2.92
C PRO B 109 7.59 -27.40 -2.16
N VAL B 110 8.45 -26.70 -2.88
CA VAL B 110 9.16 -25.59 -2.27
C VAL B 110 8.17 -24.56 -1.69
N TYR B 111 7.13 -24.23 -2.46
CA TYR B 111 6.10 -23.26 -1.98
C TYR B 111 5.23 -23.83 -0.91
N GLN B 112 5.10 -25.14 -0.90
CA GLN B 112 4.38 -25.78 0.22
C GLN B 112 5.19 -25.74 1.52
N GLU B 113 6.49 -25.99 1.41
CA GLU B 113 7.36 -25.93 2.58
C GLU B 113 7.31 -24.54 3.14
N LEU B 114 7.43 -23.55 2.25
CA LEU B 114 7.35 -22.14 2.65
C LEU B 114 6.05 -21.85 3.34
N ALA B 115 4.97 -22.38 2.81
CA ALA B 115 3.67 -22.08 3.41
C ALA B 115 3.57 -22.66 4.82
N ARG B 116 4.23 -23.80 5.03
CA ARG B 116 4.14 -24.45 6.35
C ARG B 116 4.97 -23.67 7.35
N ARG B 117 6.11 -23.16 6.90
CA ARG B 117 6.96 -22.35 7.75
C ARG B 117 6.23 -21.11 8.21
N ILE B 118 5.46 -20.51 7.28
CA ILE B 118 4.63 -19.33 7.60
C ILE B 118 3.52 -19.68 8.61
N GLY B 119 2.93 -20.85 8.48
CA GLY B 119 1.79 -21.23 9.34
C GLY B 119 0.49 -20.50 9.10
N LEU B 120 -0.61 -21.14 9.48
CA LEU B 120 -1.95 -20.72 9.11
C LEU B 120 -2.30 -19.36 9.61
N ASP B 121 -1.88 -19.15 10.83
CA ASP B 121 -2.28 -18.04 11.60
C ASP B 121 -1.72 -16.75 10.95
N LEU B 122 -0.41 -16.72 10.72
CA LEU B 122 0.23 -15.60 10.02
C LEU B 122 -0.28 -15.40 8.57
N MET B 123 -0.41 -16.51 7.87
CA MET B 123 -0.87 -16.53 6.48
C MET B 123 -2.29 -15.99 6.33
N GLN B 124 -3.19 -16.34 7.25
CA GLN B 124 -4.54 -15.83 7.10
C GLN B 124 -4.60 -14.34 7.43
N LYS B 125 -3.79 -13.93 8.40
CA LYS B 125 -3.67 -12.53 8.77
C LYS B 125 -3.10 -11.73 7.57
N GLU B 126 -2.10 -12.32 6.93
CA GLU B 126 -1.44 -11.66 5.81
C GLU B 126 -2.38 -11.52 4.64
N VAL B 127 -3.02 -12.63 4.28
CA VAL B 127 -3.89 -12.65 3.13
C VAL B 127 -5.16 -11.77 3.32
N LYS B 128 -5.66 -11.62 4.54
CA LYS B 128 -6.80 -10.72 4.79
C LYS B 128 -6.33 -9.28 4.73
N ARG B 129 -5.17 -9.01 5.30
CA ARG B 129 -4.58 -7.67 5.25
C ARG B 129 -4.38 -7.20 3.79
N ILE B 130 -3.82 -8.07 2.94
CA ILE B 130 -3.66 -7.77 1.51
C ILE B 130 -4.99 -7.71 0.80
N GLY B 131 -5.94 -8.52 1.23
CA GLY B 131 -7.27 -8.49 0.66
C GLY B 131 -7.31 -9.18 -0.67
N PHE B 132 -6.65 -10.33 -0.75
CA PHE B 132 -6.42 -11.00 -2.00
C PHE B 132 -7.56 -11.97 -2.37
N GLY B 133 -8.32 -11.60 -3.39
CA GLY B 133 -9.51 -12.37 -3.74
C GLY B 133 -10.52 -12.37 -2.61
N ASN B 134 -11.00 -13.55 -2.25
CA ASN B 134 -12.01 -13.70 -1.18
C ASN B 134 -11.31 -13.84 0.15
N ALA B 135 -10.00 -13.89 0.10
CA ALA B 135 -9.19 -13.91 1.29
C ALA B 135 -9.49 -15.10 2.21
N GLU B 136 -9.85 -16.24 1.65
CA GLU B 136 -10.13 -17.43 2.44
C GLU B 136 -9.09 -18.50 2.26
N ILE B 137 -8.45 -18.95 3.34
CA ILE B 137 -7.47 -20.02 3.20
C ILE B 137 -7.84 -21.38 3.85
N GLY B 138 -8.88 -21.39 4.69
CA GLY B 138 -9.36 -22.65 5.28
C GLY B 138 -8.35 -23.19 6.28
N GLN B 139 -8.01 -24.49 6.19
CA GLN B 139 -7.22 -25.12 7.23
C GLN B 139 -6.03 -25.96 6.73
N GLN B 140 -5.98 -26.30 5.44
CA GLN B 140 -4.75 -26.90 4.91
C GLN B 140 -3.86 -25.76 4.40
N VAL B 141 -3.04 -25.22 5.30
CA VAL B 141 -2.14 -24.12 4.96
C VAL B 141 -1.28 -24.45 3.74
N ASP B 142 -1.18 -25.72 3.37
CA ASP B 142 -0.31 -26.07 2.27
C ASP B 142 -0.96 -26.45 0.94
N ASN B 143 -2.24 -26.13 0.75
CA ASN B 143 -2.85 -26.38 -0.55
C ASN B 143 -4.02 -25.48 -0.93
N PHE B 144 -4.30 -24.50 -0.10
CA PHE B 144 -5.53 -23.73 -0.23
C PHE B 144 -5.59 -22.91 -1.54
N TRP B 145 -4.42 -22.68 -2.16
CA TRP B 145 -4.31 -21.87 -3.35
C TRP B 145 -4.48 -22.73 -4.59
N LEU B 146 -4.29 -24.04 -4.40
CA LEU B 146 -4.45 -25.02 -5.47
C LEU B 146 -5.88 -25.61 -5.62
N VAL B 147 -6.53 -25.90 -4.50
CA VAL B 147 -7.79 -26.65 -4.50
C VAL B 147 -8.92 -25.87 -3.82
N GLY B 148 -8.63 -24.68 -3.31
CA GLY B 148 -9.59 -23.90 -2.56
C GLY B 148 -9.32 -24.09 -1.09
N PRO B 149 -9.95 -23.26 -0.24
CA PRO B 149 -11.07 -22.38 -0.56
C PRO B 149 -10.75 -21.05 -1.24
N LEU B 150 -9.49 -20.61 -1.26
CA LEU B 150 -9.11 -19.24 -1.75
C LEU B 150 -9.38 -19.12 -3.24
N LYS B 151 -10.02 -18.02 -3.66
CA LYS B 151 -10.33 -17.76 -5.09
C LYS B 151 -10.18 -16.28 -5.36
N VAL B 152 -9.96 -15.93 -6.63
CA VAL B 152 -9.63 -14.57 -7.04
C VAL B 152 -10.11 -14.33 -8.48
N THR B 153 -10.50 -13.09 -8.78
CA THR B 153 -10.88 -12.75 -10.20
C THR B 153 -9.63 -12.36 -10.99
N PRO B 154 -9.72 -12.36 -12.32
CA PRO B 154 -8.61 -11.88 -13.16
C PRO B 154 -8.38 -10.38 -13.02
N ILE B 155 -9.47 -9.65 -12.77
CA ILE B 155 -9.35 -8.23 -12.61
C ILE B 155 -8.63 -8.00 -11.31
N GLN B 156 -8.95 -8.83 -10.33
CA GLN B 156 -8.29 -8.69 -9.03
C GLN B 156 -6.79 -9.04 -9.12
N GLU B 157 -6.49 -10.06 -9.91
CA GLU B 157 -5.10 -10.44 -10.20
C GLU B 157 -4.28 -9.36 -10.88
N VAL B 158 -4.89 -8.63 -11.84
CA VAL B 158 -4.15 -7.60 -12.59
C VAL B 158 -3.87 -6.43 -11.67
N GLU B 159 -4.81 -6.17 -10.78
CA GLU B 159 -4.64 -5.09 -9.82
C GLU B 159 -3.51 -5.40 -8.86
N PHE B 160 -3.49 -6.63 -8.35
CA PHE B 160 -2.43 -7.10 -7.44
C PHE B 160 -1.05 -6.98 -8.09
N VAL B 161 -0.92 -7.49 -9.30
CA VAL B 161 0.36 -7.55 -9.94
C VAL B 161 0.80 -6.18 -10.46
N SER B 162 -0.14 -5.32 -10.82
CA SER B 162 0.19 -3.92 -11.10
C SER B 162 0.76 -3.19 -9.87
N GLN B 163 0.21 -3.49 -8.71
CA GLN B 163 0.78 -2.88 -7.47
C GLN B 163 2.17 -3.42 -7.19
N LEU B 164 2.35 -4.74 -7.32
CA LEU B 164 3.69 -5.36 -7.28
C LEU B 164 4.65 -4.59 -8.22
N ALA B 165 4.33 -4.57 -9.52
CA ALA B 165 5.19 -3.96 -10.52
C ALA B 165 5.61 -2.56 -10.08
N HIS B 166 4.67 -1.79 -9.54
CA HIS B 166 4.94 -0.41 -9.11
C HIS B 166 5.45 -0.28 -7.67
N THR B 167 5.63 -1.38 -6.97
CA THR B 167 6.07 -1.32 -5.58
C THR B 167 5.04 -0.55 -4.76
N GLN B 168 3.78 -0.84 -5.00
CA GLN B 168 2.71 -0.25 -4.20
C GLN B 168 2.02 -1.26 -3.24
N LEU B 169 2.52 -2.48 -3.08
CA LEU B 169 1.85 -3.42 -2.18
C LEU B 169 2.27 -3.02 -0.75
N PRO B 170 1.54 -3.50 0.26
CA PRO B 170 2.00 -3.11 1.62
C PRO B 170 2.95 -4.12 2.20
N PHE B 171 4.08 -4.22 1.50
CA PHE B 171 5.26 -4.91 1.94
C PHE B 171 6.46 -4.03 1.74
N SER B 172 7.56 -4.48 2.30
CA SER B 172 8.82 -3.74 2.25
C SER B 172 9.22 -3.51 0.78
N GLU B 173 9.80 -2.36 0.47
CA GLU B 173 10.33 -2.12 -0.88
C GLU B 173 11.37 -3.18 -1.36
N LYS B 174 12.32 -3.57 -0.51
CA LYS B 174 13.33 -4.61 -0.84
C LYS B 174 12.67 -5.95 -1.09
N VAL B 175 11.63 -6.25 -0.33
CA VAL B 175 10.95 -7.55 -0.52
C VAL B 175 10.18 -7.55 -1.81
N GLN B 176 9.54 -6.43 -2.12
CA GLN B 176 8.82 -6.29 -3.42
C GLN B 176 9.81 -6.33 -4.61
N ALA B 177 10.98 -5.73 -4.46
CA ALA B 177 11.98 -5.71 -5.56
C ALA B 177 12.50 -7.13 -5.78
N ASN B 178 12.71 -7.84 -4.67
CA ASN B 178 13.24 -9.19 -4.74
C ASN B 178 12.29 -10.16 -5.39
N VAL B 179 11.00 -10.06 -5.10
CA VAL B 179 10.04 -10.94 -5.75
C VAL B 179 9.91 -10.61 -7.23
N LYS B 180 9.95 -9.33 -7.57
CA LYS B 180 9.88 -8.91 -8.97
C LYS B 180 11.01 -9.55 -9.79
N ASN B 181 12.20 -9.64 -9.19
CA ASN B 181 13.36 -10.21 -9.88
C ASN B 181 13.34 -11.73 -10.00
N MET B 182 12.30 -12.36 -9.47
CA MET B 182 12.09 -13.78 -9.62
C MET B 182 11.19 -14.08 -10.79
N LEU B 183 10.61 -13.02 -11.37
CA LEU B 183 9.45 -13.16 -12.23
C LEU B 183 9.76 -12.83 -13.69
N LEU B 184 11.03 -12.58 -14.03
CA LEU B 184 11.34 -12.17 -15.41
C LEU B 184 11.20 -13.36 -16.31
N LEU B 185 10.36 -13.25 -17.34
CA LEU B 185 10.04 -14.38 -18.20
C LEU B 185 10.80 -14.32 -19.51
N GLU B 186 10.96 -13.10 -20.06
CA GLU B 186 11.38 -12.90 -21.45
C GLU B 186 11.79 -11.45 -21.51
N GLU B 187 12.79 -11.15 -22.33
CA GLU B 187 13.12 -9.76 -22.74
C GLU B 187 13.43 -9.69 -24.24
N SER B 188 13.18 -8.53 -24.87
CA SER B 188 13.64 -8.29 -26.24
C SER B 188 13.21 -6.91 -26.75
N ASN B 189 14.15 -6.19 -27.35
CA ASN B 189 13.94 -4.80 -27.77
C ASN B 189 13.87 -3.86 -26.58
N GLY B 190 14.45 -4.26 -25.47
CA GLY B 190 14.35 -3.50 -24.22
C GLY B 190 12.98 -3.56 -23.51
N TYR B 191 12.08 -4.41 -24.04
CA TYR B 191 10.82 -4.78 -23.39
C TYR B 191 11.08 -5.97 -22.48
N LYS B 192 10.76 -5.83 -21.20
CA LYS B 192 10.85 -6.95 -20.32
C LYS B 192 9.45 -7.45 -20.05
N ILE B 193 9.31 -8.76 -19.93
CA ILE B 193 8.04 -9.40 -19.57
C ILE B 193 8.17 -10.25 -18.32
N PHE B 194 7.46 -9.81 -17.29
CA PHE B 194 7.50 -10.46 -16.00
C PHE B 194 6.16 -11.12 -15.85
N GLY B 195 6.14 -12.26 -15.16
CA GLY B 195 4.87 -12.91 -14.86
C GLY B 195 4.98 -14.29 -14.26
N LYS B 196 3.80 -14.81 -13.87
CA LYS B 196 3.68 -16.13 -13.31
C LYS B 196 2.49 -16.90 -13.90
N THR B 197 2.74 -18.13 -14.31
CA THR B 197 1.71 -19.04 -14.71
C THR B 197 0.95 -19.73 -13.56
N GLY B 198 -0.24 -20.23 -13.88
CA GLY B 198 -0.91 -21.22 -13.05
C GLY B 198 -1.83 -22.10 -13.85
N TRP B 199 -2.10 -23.29 -13.31
CA TRP B 199 -2.92 -24.25 -13.97
C TRP B 199 -3.48 -25.20 -12.94
N ALA B 200 -4.78 -25.28 -12.82
CA ALA B 200 -5.35 -26.19 -11.85
C ALA B 200 -6.39 -27.03 -12.51
N MET B 201 -6.59 -28.20 -11.89
CA MET B 201 -6.80 -29.47 -12.56
C MET B 201 -8.19 -30.05 -12.20
N ASP B 202 -9.16 -29.17 -11.90
CA ASP B 202 -10.49 -29.58 -11.42
C ASP B 202 -11.42 -30.02 -12.55
N LYS B 204 -14.65 -29.97 -12.33
CA LYS B 204 -15.45 -29.59 -13.50
C LYS B 204 -14.51 -29.39 -14.66
N SER B 205 -13.72 -28.33 -14.58
CA SER B 205 -12.91 -27.87 -15.68
C SER B 205 -11.57 -27.33 -15.17
N GLN B 206 -10.71 -26.93 -16.09
CA GLN B 206 -9.34 -26.52 -15.75
C GLN B 206 -9.16 -25.07 -16.05
N VAL B 207 -8.54 -24.37 -15.11
CA VAL B 207 -8.21 -22.96 -15.30
C VAL B 207 -6.73 -22.73 -15.49
N GLY B 208 -6.41 -21.84 -16.45
CA GLY B 208 -5.07 -21.45 -16.75
C GLY B 208 -4.89 -19.99 -16.57
N TRP B 209 -3.84 -19.63 -15.82
CA TRP B 209 -3.45 -18.27 -15.64
C TRP B 209 -2.10 -17.92 -16.31
N LEU B 210 -1.98 -16.66 -16.69
CA LEU B 210 -0.67 -16.04 -16.82
C LEU B 210 -0.80 -14.58 -16.52
N THR B 211 -0.17 -14.19 -15.41
CA THR B 211 -0.43 -12.93 -14.79
C THR B 211 0.88 -12.24 -14.55
N GLY B 212 0.97 -10.98 -14.95
CA GLY B 212 2.23 -10.28 -14.93
C GLY B 212 2.18 -8.92 -15.57
N TRP B 213 3.35 -8.39 -15.93
CA TRP B 213 3.45 -7.07 -16.53
C TRP B 213 4.59 -6.93 -17.60
N VAL B 214 4.46 -5.88 -18.39
CA VAL B 214 5.49 -5.44 -19.33
C VAL B 214 6.13 -4.17 -18.86
N GLU B 215 7.44 -4.18 -18.82
CA GLU B 215 8.20 -2.98 -18.62
C GLU B 215 8.75 -2.55 -19.99
N GLN B 216 8.24 -1.45 -20.50
CA GLN B 216 8.69 -0.87 -21.75
C GLN B 216 10.04 -0.15 -21.62
N PRO B 217 10.72 0.10 -22.75
CA PRO B 217 12.13 0.54 -22.59
C PRO B 217 12.29 1.83 -21.77
N ASP B 218 11.30 2.70 -21.87
CA ASP B 218 11.32 3.97 -21.11
C ASP B 218 10.87 3.85 -19.65
N GLY B 219 10.64 2.62 -19.19
CA GLY B 219 10.13 2.38 -17.83
C GLY B 219 8.62 2.18 -17.65
N LYS B 220 7.80 2.53 -18.65
CA LYS B 220 6.35 2.38 -18.53
C LYS B 220 5.97 0.94 -18.19
N ILE B 221 4.97 0.80 -17.33
CA ILE B 221 4.48 -0.51 -16.97
C ILE B 221 3.11 -0.72 -17.55
N VAL B 222 2.90 -1.89 -18.15
CA VAL B 222 1.59 -2.33 -18.56
C VAL B 222 1.32 -3.71 -17.99
N ALA B 223 0.28 -3.83 -17.17
CA ALA B 223 0.04 -5.06 -16.44
C ALA B 223 -1.06 -5.86 -17.12
N PHE B 224 -0.97 -7.20 -17.02
CA PHE B 224 -1.90 -8.14 -17.68
C PHE B 224 -2.30 -9.35 -16.83
N ALA B 225 -3.49 -9.85 -17.08
CA ALA B 225 -3.90 -11.14 -16.52
C ALA B 225 -4.71 -11.90 -17.55
N LEU B 226 -4.12 -12.97 -18.04
CA LEU B 226 -4.75 -13.94 -18.88
C LEU B 226 -5.32 -15.05 -18.03
N ASN B 227 -6.48 -15.53 -18.45
CA ASN B 227 -7.25 -16.51 -17.70
C ASN B 227 -8.13 -17.20 -18.71
N MET B 228 -8.07 -18.53 -18.72
CA MET B 228 -8.64 -19.27 -19.85
C MET B 228 -8.89 -20.66 -19.42
N GLU B 229 -9.86 -21.30 -20.04
CA GLU B 229 -10.03 -22.71 -19.88
C GLU B 229 -8.93 -23.52 -20.56
N MET B 230 -8.31 -24.41 -19.80
CA MET B 230 -7.27 -25.30 -20.33
C MET B 230 -7.85 -26.64 -20.63
N ARG B 231 -7.13 -27.41 -21.45
CA ARG B 231 -7.39 -28.83 -21.68
C ARG B 231 -6.10 -29.60 -21.52
N SER B 232 -6.20 -30.86 -21.15
CA SER B 232 -5.03 -31.65 -20.84
C SER B 232 -4.16 -31.82 -22.07
N GLU B 233 -4.78 -31.85 -23.25
CA GLU B 233 -4.03 -32.03 -24.48
C GLU B 233 -3.16 -30.82 -24.83
N MET B 234 -3.41 -29.67 -24.20
CA MET B 234 -2.67 -28.44 -24.53
C MET B 234 -1.26 -28.55 -23.99
N PRO B 235 -0.32 -27.82 -24.59
CA PRO B 235 0.95 -27.63 -23.96
C PRO B 235 0.94 -26.44 -23.01
N ALA B 236 1.83 -26.45 -22.04
CA ALA B 236 1.85 -25.43 -21.01
C ALA B 236 2.17 -24.07 -21.62
N SER B 237 2.90 -24.06 -22.73
CA SER B 237 3.35 -22.82 -23.37
C SER B 237 2.24 -22.11 -24.18
N ILE B 238 1.08 -22.74 -24.33
CA ILE B 238 -0.05 -22.11 -25.02
C ILE B 238 -0.48 -20.81 -24.36
N ARG B 239 -0.25 -20.70 -23.06
CA ARG B 239 -0.61 -19.46 -22.37
C ARG B 239 0.30 -18.31 -22.81
N ASN B 240 1.62 -18.57 -22.89
CA ASN B 240 2.57 -17.56 -23.30
C ASN B 240 2.44 -17.22 -24.78
N GLU B 241 2.26 -18.27 -25.57
CA GLU B 241 2.07 -18.09 -26.98
C GLU B 241 0.92 -17.09 -27.22
N LEU B 242 -0.19 -17.29 -26.55
CA LEU B 242 -1.36 -16.45 -26.74
C LEU B 242 -1.19 -15.07 -26.10
N LEU B 243 -0.53 -15.03 -24.96
CA LEU B 243 -0.24 -13.75 -24.36
C LEU B 243 0.60 -12.93 -25.35
N MET B 244 1.62 -13.54 -25.98
CA MET B 244 2.56 -12.73 -26.77
C MET B 244 1.90 -12.28 -28.10
N LYS B 245 1.16 -13.16 -28.78
CA LYS B 245 0.37 -12.69 -29.94
C LYS B 245 -0.44 -11.43 -29.56
N SER B 246 -1.01 -11.41 -28.35
CA SER B 246 -2.02 -10.39 -27.99
C SER B 246 -1.39 -9.07 -27.58
N LEU B 247 -0.23 -9.15 -26.92
CA LEU B 247 0.54 -7.96 -26.62
C LEU B 247 1.11 -7.26 -27.89
N LYS B 248 1.73 -8.04 -28.80
CA LYS B 248 2.12 -7.55 -30.14
C LYS B 248 0.93 -6.89 -30.86
N GLN B 249 -0.20 -7.57 -30.91
CA GLN B 249 -1.39 -6.97 -31.54
C GLN B 249 -1.89 -5.66 -30.91
N LEU B 250 -1.70 -5.49 -29.61
CA LEU B 250 -2.08 -4.22 -28.95
C LEU B 250 -0.96 -3.19 -28.89
N ASN B 251 0.17 -3.49 -29.53
CA ASN B 251 1.32 -2.64 -29.52
C ASN B 251 1.84 -2.32 -28.11
N ILE B 252 1.73 -3.31 -27.22
CA ILE B 252 2.27 -3.17 -25.89
C ILE B 252 3.72 -3.58 -25.91
N ILE B 253 4.02 -4.51 -26.82
CA ILE B 253 5.41 -4.82 -27.18
C ILE B 253 5.62 -4.76 -28.69
C CTJ C . 5.03 21.27 12.60
O CTJ C . 3.96 21.52 12.04
S1 CTJ C . 6.53 23.29 15.61
C2 CTJ C . 6.10 22.75 17.25
C3 CTJ C . 4.61 22.50 17.42
C4 CTJ C . 3.76 22.43 16.37
N5 CTJ C . 4.18 22.25 15.10
C6 CTJ C . 5.57 22.13 14.71
CA CTJ C . 5.83 22.34 13.23
N10 CTJ C . 5.49 23.70 12.82
C11 CTJ C . 6.37 24.72 12.80
O12 CTJ C . 7.56 24.64 13.06
C13 CTJ C . 5.87 26.05 12.50
C14 CTJ C . 6.08 26.68 11.22
C15 CTJ C . 5.22 27.66 10.74
N16 CTJ C . 5.30 26.73 13.38
S16 CTJ C . 5.81 28.25 9.24
C17 CTJ C . 7.21 27.25 9.38
O17 CTJ C . 5.09 26.36 14.56
C18 CTJ C . 4.37 27.28 15.37
N18 CTJ C . 8.24 27.20 8.50
C19 CTJ C . 3.41 28.05 14.47
N19 CTJ C . 7.23 26.51 10.50
C20 CTJ C . 3.61 26.49 16.43
C21 CTJ C . 5.37 28.26 16.01
O2A CTJ C . 4.95 29.10 16.82
O2B CTJ C . 6.59 28.21 15.70
C3' CTJ C . 4.14 22.17 18.83
C4' CTJ C . 2.29 22.42 16.54
O4A CTJ C . 1.59 21.82 15.70
O4B CTJ C . 1.72 23.02 17.48
N6 CTJ C . 3.92 23.34 19.72
C26 CTJ C . 4.14 23.19 21.04
C25 CTJ C . 3.91 24.24 21.93
C24 CTJ C . 3.42 25.44 21.46
C23 CTJ C . 3.16 25.56 20.11
C22 CTJ C . 3.41 24.50 19.25
C CTJ D . 0.60 -24.22 -10.22
O CTJ D . -0.39 -23.77 -10.78
S1 CTJ D . 2.50 -27.52 -11.62
C2 CTJ D . 3.74 -27.29 -12.83
C3 CTJ D . 3.35 -26.24 -13.85
C4 CTJ D . 2.31 -25.38 -13.67
N5 CTJ D . 1.69 -25.21 -12.50
C6 CTJ D . 2.10 -25.85 -11.26
CA CTJ D . 0.99 -25.69 -10.25
N10 CTJ D . -0.13 -26.53 -10.61
C11 CTJ D . -0.39 -27.72 -10.06
O12 CTJ D . 0.28 -28.20 -9.16
C13 CTJ D . -1.58 -28.47 -10.49
C14 CTJ D . -2.61 -28.80 -9.48
C15 CTJ D . -2.29 -29.08 -8.15
N16 CTJ D . -1.73 -28.90 -11.68
S16 CTJ D . -3.72 -29.44 -7.27
C17 CTJ D . -4.68 -29.23 -8.68
O17 CTJ D . -0.87 -28.67 -12.58
C18 CTJ D . -1.06 -29.30 -13.87
N18 CTJ D . -6.00 -29.52 -8.69
C19 CTJ D . -2.45 -28.97 -14.43
N19 CTJ D . -3.94 -28.99 -9.79
C20 CTJ D . 0.02 -28.79 -14.81
C21 CTJ D . -0.90 -30.81 -13.79
O2A CTJ D . -1.07 -31.45 -14.85
O2B CTJ D . -0.63 -31.38 -12.70
C3' CTJ D . 4.27 -26.17 -15.07
C4' CTJ D . 1.75 -24.53 -14.74
O4A CTJ D . 0.93 -23.62 -14.47
O4B CTJ D . 2.15 -24.69 -15.90
N6 CTJ D . 4.08 -27.29 -16.04
C26 CTJ D . 5.12 -27.70 -16.79
C25 CTJ D . 4.97 -28.72 -17.73
C24 CTJ D . 3.72 -29.30 -17.89
C23 CTJ D . 2.64 -28.86 -17.14
C22 CTJ D . 2.86 -27.84 -16.21
#